data_3P59
#
_entry.id   3P59
#
_cell.length_a   62.378
_cell.length_b   62.378
_cell.length_c   126.268
_cell.angle_alpha   90.00
_cell.angle_beta   90.00
_cell.angle_gamma   120.00
#
_symmetry.space_group_name_H-M   'P 31 2 1'
#
loop_
_entity.id
_entity.type
_entity.pdbx_description
1 polymer "RNA (5'-R(*CP*CP*GP*GP*AP*GP*GP*AP*AP*CP*UP*AP*CP*(5BU)P*G)-3')"
2 polymer "RNA (5'-R(*CP*CP*GP*GP*CP*AP*GP*CP*CP*U)-3')"
3 non-polymer 'COBALT HEXAMMINE(III)'
4 non-polymer 'MAGNESIUM ION'
5 water water
#
loop_
_entity_poly.entity_id
_entity_poly.type
_entity_poly.pdbx_seq_one_letter_code
_entity_poly.pdbx_strand_id
1 'polyribonucleotide' CCGGAGGAACUAC(5BU)G A,C,E,G
2 'polyribonucleotide' CCGGCAGCCU B,D,F,H
#
loop_
_chem_comp.id
_chem_comp.type
_chem_comp.name
_chem_comp.formula
5BU RNA linking 5-BROMO-URIDINE-5'-MONOPHOSPHATE 'C9 H12 Br N2 O9 P'
A RNA linking ADENOSINE-5'-MONOPHOSPHATE 'C10 H14 N5 O7 P'
C RNA linking CYTIDINE-5'-MONOPHOSPHATE 'C9 H14 N3 O8 P'
G RNA linking GUANOSINE-5'-MONOPHOSPHATE 'C10 H14 N5 O8 P'
MG non-polymer 'MAGNESIUM ION' 'Mg 2'
NCO non-polymer 'COBALT HEXAMMINE(III)' 'Co H18 N6 3'
U RNA linking URIDINE-5'-MONOPHOSPHATE 'C9 H13 N2 O9 P'
#
# COMPACT_ATOMS: atom_id res chain seq x y z
P 5BU A 14 4.78 -20.27 0.28
OP1 5BU A 14 6.04 -19.90 -0.45
OP2 5BU A 14 4.87 -20.64 1.73
O5' 5BU A 14 3.68 -19.14 0.05
C5' 5BU A 14 3.59 -18.45 -1.19
C4' 5BU A 14 2.66 -17.27 -1.10
O4' 5BU A 14 1.34 -17.73 -0.74
C3' 5BU A 14 3.01 -16.23 -0.05
O3' 5BU A 14 3.91 -15.25 -0.54
C2' 5BU A 14 1.66 -15.66 0.41
O2' 5BU A 14 1.29 -14.52 -0.35
C1' 5BU A 14 0.69 -16.79 0.09
N1 5BU A 14 0.23 -17.50 1.31
C2 5BU A 14 -0.91 -17.09 1.91
O2 5BU A 14 -1.54 -16.09 1.48
N3 5BU A 14 -1.35 -17.75 3.01
C4 5BU A 14 -0.69 -18.80 3.51
O4 5BU A 14 -1.15 -19.36 4.54
C5 5BU A 14 0.48 -19.24 2.90
C6 5BU A 14 0.93 -18.56 1.77
BR 5BU A 14 1.45 -20.73 3.61
P 5BU C 14 -19.75 -5.39 -6.66
OP1 5BU C 14 -19.43 -6.73 -7.29
OP2 5BU C 14 -19.66 -5.27 -5.16
O5' 5BU C 14 -18.87 -4.24 -7.35
C5' 5BU C 14 -18.19 -3.25 -6.58
C4' 5BU C 14 -17.06 -2.61 -7.36
O4' 5BU C 14 -17.30 -1.19 -7.54
C3' 5BU C 14 -15.68 -2.64 -6.72
O3' 5BU C 14 -15.07 -3.90 -6.74
C2' 5BU C 14 -14.95 -1.58 -7.54
O2' 5BU C 14 -14.56 -2.12 -8.80
C1' 5BU C 14 -16.05 -0.55 -7.77
N1 5BU C 14 -15.91 0.60 -6.86
C2 5BU C 14 -14.92 1.48 -7.14
O2 5BU C 14 -14.20 1.30 -8.14
N3 5BU C 14 -14.70 2.56 -6.37
C4 5BU C 14 -15.45 2.79 -5.28
O4 5BU C 14 -15.26 3.79 -4.56
C5 5BU C 14 -16.46 1.90 -4.98
C6 5BU C 14 -16.68 0.78 -5.80
BR 5BU C 14 -17.54 2.19 -3.47
P 5BU E 14 -0.96 17.96 -10.99
OP1 5BU E 14 -2.02 17.34 -11.83
OP2 5BU E 14 -1.22 19.27 -10.35
O5' 5BU E 14 -0.47 16.92 -9.89
C5' 5BU E 14 0.12 15.70 -10.26
C4' 5BU E 14 1.06 15.21 -9.20
O4' 5BU E 14 1.92 16.30 -8.77
C3' 5BU E 14 0.43 14.75 -7.91
O3' 5BU E 14 -0.13 13.47 -8.01
C2' 5BU E 14 1.58 14.84 -6.90
O2' 5BU E 14 2.40 13.67 -6.94
C1' 5BU E 14 2.39 16.02 -7.47
N1 5BU E 14 2.28 17.23 -6.63
C2 5BU E 14 2.97 17.21 -5.50
O2 5BU E 14 3.61 16.17 -5.25
N3 5BU E 14 2.98 18.25 -4.66
C4 5BU E 14 2.27 19.33 -4.95
O4 5BU E 14 2.24 20.31 -4.17
C5 5BU E 14 1.56 19.37 -6.12
C6 5BU E 14 1.56 18.28 -6.98
BR 5BU E 14 0.54 20.89 -6.55
P 5BU G 14 17.45 1.15 -4.87
OP1 5BU G 14 16.83 1.94 -5.99
OP2 5BU G 14 18.04 1.91 -3.69
O5' 5BU G 14 16.43 0.05 -4.35
C5' 5BU G 14 15.58 -0.63 -5.25
C4' 5BU G 14 14.73 -1.65 -4.54
O4' 5BU G 14 15.56 -2.69 -3.94
C3' 5BU G 14 13.90 -1.18 -3.36
O3' 5BU G 14 12.77 -0.41 -3.71
C2' 5BU G 14 13.56 -2.51 -2.72
O2' 5BU G 14 12.68 -3.25 -3.56
C1' 5BU G 14 14.93 -3.17 -2.76
N1 5BU G 14 15.74 -2.80 -1.61
C2 5BU G 14 15.43 -3.25 -0.39
O2 5BU G 14 14.48 -4.06 -0.26
N3 5BU G 14 16.16 -2.89 0.69
C4 5BU G 14 17.21 -2.05 0.57
O4 5BU G 14 17.90 -1.70 1.56
C5 5BU G 14 17.52 -1.55 -0.67
C6 5BU G 14 16.76 -1.93 -1.77
BR 5BU G 14 18.97 -0.36 -0.89
CO NCO I . -13.43 -5.72 7.10
N1 NCO I . -15.35 -5.92 6.66
N2 NCO I . -11.51 -5.53 7.54
N3 NCO I . -13.84 -5.47 9.02
N4 NCO I . -13.00 -5.90 5.17
N5 NCO I . -13.54 -3.78 6.80
N6 NCO I . -13.32 -7.68 7.38
MG MG J . -6.47 -20.36 7.18
CO NCO K . 1.85 -19.47 8.71
N1 NCO K . 1.52 -19.79 10.62
N2 NCO K . 2.19 -19.09 6.79
N3 NCO K . 1.91 -17.52 9.07
N4 NCO K . 1.79 -21.42 8.37
N5 NCO K . -0.11 -19.36 8.40
N6 NCO K . 3.80 -19.56 9.02
CO NCO L . -9.67 15.57 2.46
N1 NCO L . -11.65 15.78 2.38
N2 NCO L . -7.71 15.38 2.53
N3 NCO L . -9.62 16.79 4.01
N4 NCO L . -9.75 14.34 0.91
N5 NCO L . -9.42 17.11 1.23
N6 NCO L . -9.88 14.03 3.69
CO NCO M . -22.09 11.49 -8.45
N1 NCO M . -23.89 11.43 -9.29
N2 NCO M . -20.30 11.52 -7.61
N3 NCO M . -22.78 10.67 -6.78
N4 NCO M . -21.38 12.29 -10.12
N5 NCO M . -22.40 13.31 -7.76
N6 NCO M . -21.74 9.66 -9.17
CO NCO N . -20.05 -0.07 1.79
N1 NCO N . -21.35 -1.29 2.65
N2 NCO N . -18.74 1.15 0.94
N3 NCO N . -20.55 1.35 3.07
N4 NCO N . -19.57 -1.50 0.50
N5 NCO N . -21.46 0.55 0.55
N6 NCO N . -18.64 -0.73 3.01
CO NCO O . 13.61 9.52 7.11
N1 NCO O . 12.02 8.34 6.96
N2 NCO O . 15.22 10.66 7.31
N3 NCO O . 13.64 9.18 9.07
N4 NCO O . 13.59 9.88 5.17
N5 NCO O . 12.45 11.09 7.41
N6 NCO O . 14.78 7.95 6.82
MG MG P . 18.09 17.49 6.78
CO NCO Q . -2.04 21.61 -2.32
N1 NCO Q . -2.78 19.94 -1.55
N2 NCO Q . -1.31 23.28 -3.11
N3 NCO Q . -1.17 22.00 -0.62
N4 NCO Q . -2.95 21.23 -4.04
N5 NCO Q . -3.62 22.64 -1.67
N6 NCO Q . -0.44 20.62 -2.98
CO NCO R . 7.63 -12.03 11.23
N1 NCO R . 5.66 -12.07 11.52
N2 NCO R . 9.58 -11.95 10.91
N3 NCO R . 7.96 -12.34 13.17
N4 NCO R . 7.33 -11.63 9.30
N5 NCO R . 7.64 -10.07 11.59
N6 NCO R . 7.60 -13.98 10.85
CO NCO S . 16.47 -13.61 13.10
N1 NCO S . 14.62 -14.29 12.91
N2 NCO S . 18.32 -12.91 13.29
N3 NCO S . 16.01 -12.89 14.90
N4 NCO S . 16.90 -14.32 11.31
N5 NCO S . 15.90 -11.88 12.31
N6 NCO S . 17.04 -15.34 13.88
CO NCO T . 19.63 3.31 3.97
N1 NCO T . 18.43 4.61 4.85
N2 NCO T . 20.84 2.03 3.08
N3 NCO T . 21.18 4.55 4.09
N4 NCO T . 18.10 2.07 3.83
N5 NCO T . 19.16 4.10 2.22
N6 NCO T . 20.07 2.50 5.73
#